data_5VG9
#
_entry.id   5VG9
#
_cell.length_a   51.640
_cell.length_b   123.650
_cell.length_c   236.120
_cell.angle_alpha   90.00
_cell.angle_beta   90.00
_cell.angle_gamma   90.00
#
_symmetry.space_group_name_H-M   'C 2 2 21'
#
loop_
_entity.id
_entity.type
_entity.pdbx_description
1 polymer 'Protein-S-isoprenylcysteine O-methyltransferase'
2 non-polymer S-ADENOSYL-L-HOMOCYSTEINE
#
_entity_poly.entity_id   1
_entity_poly.type   'polypeptide(L)'
_entity_poly.pdbx_seq_one_letter_code
;MLSPAGKISLQSFTGSSLVFFVICMFNHYYGITNLVVNTLIVFFYAVNVYFFLKFFYNEFAFAIAIRAAFLGLVLVLGLY
IKLVAPPNIQIFGGYMSVMALFHYSEFLAIAIVQPKQVSTDSFVINHSPQYTIAAVSSWVEFFIETYFFPALKAIHWLSN
IGLCVCILGEVLRKTAILTAGSNFNHLVQCEKSSDHVLVTHGVYAWFRHPSYVGWFYWSIGTQIILINPLCIPAYTLASW
MFFKERIYIEESMLLSFFGQQYCDYQQQVGTGIPFIEGYKIAAEGEEF
;
_entity_poly.pdbx_strand_id   A
#
# COMPACT_ATOMS: atom_id res chain seq x y z
N LEU A 2 2.55 6.53 -20.26
CA LEU A 2 1.35 7.04 -19.62
C LEU A 2 1.46 8.54 -19.40
N SER A 3 0.58 9.08 -18.54
CA SER A 3 0.55 10.51 -18.25
C SER A 3 1.92 11.00 -17.83
N PRO A 4 2.18 12.31 -17.89
CA PRO A 4 3.51 12.80 -17.50
C PRO A 4 3.85 12.50 -16.05
N ALA A 5 3.00 12.87 -15.11
CA ALA A 5 3.25 12.60 -13.70
C ALA A 5 3.39 11.11 -13.40
N GLY A 6 2.98 10.23 -14.32
CA GLY A 6 3.16 8.80 -14.14
C GLY A 6 4.51 8.31 -14.61
N LYS A 7 5.04 8.91 -15.68
CA LYS A 7 6.36 8.52 -16.16
C LYS A 7 7.46 8.97 -15.20
N ILE A 8 7.26 10.10 -14.51
CA ILE A 8 8.25 10.57 -13.55
C ILE A 8 8.39 9.58 -12.40
N SER A 9 7.25 9.10 -11.88
CA SER A 9 7.28 8.15 -10.77
C SER A 9 7.92 6.83 -11.20
N LEU A 10 7.59 6.36 -12.40
CA LEU A 10 8.13 5.08 -12.86
C LEU A 10 9.65 5.13 -13.00
N GLN A 11 10.17 6.22 -13.57
CA GLN A 11 11.62 6.34 -13.72
C GLN A 11 12.30 6.55 -12.37
N SER A 12 11.66 7.27 -11.45
CA SER A 12 12.24 7.50 -10.13
C SER A 12 12.19 6.24 -9.28
N PHE A 13 11.11 5.45 -9.40
CA PHE A 13 10.97 4.24 -8.61
C PHE A 13 11.93 3.15 -9.09
N THR A 14 11.81 2.76 -10.36
CA THR A 14 12.70 1.74 -10.90
C THR A 14 14.14 2.19 -10.87
N GLY A 15 14.39 3.48 -11.09
CA GLY A 15 15.74 4.02 -11.01
C GLY A 15 16.34 3.86 -9.65
N SER A 16 15.66 4.37 -8.62
CA SER A 16 16.15 4.22 -7.25
C SER A 16 16.28 2.76 -6.85
N SER A 17 15.41 1.89 -7.37
CA SER A 17 15.48 0.48 -7.04
C SER A 17 16.66 -0.22 -7.70
N LEU A 18 17.17 0.31 -8.82
CA LEU A 18 18.35 -0.25 -9.45
C LEU A 18 19.65 0.31 -8.88
N VAL A 19 19.65 1.57 -8.48
CA VAL A 19 20.81 2.15 -7.82
C VAL A 19 21.16 1.34 -6.57
N PHE A 20 20.24 1.30 -5.61
CA PHE A 20 20.50 0.66 -4.33
C PHE A 20 20.48 -0.87 -4.41
N PHE A 21 19.90 -1.43 -5.47
CA PHE A 21 20.05 -2.86 -5.71
C PHE A 21 21.51 -3.20 -6.03
N VAL A 22 22.14 -2.41 -6.90
CA VAL A 22 23.56 -2.56 -7.14
C VAL A 22 24.34 -2.34 -5.86
N ILE A 23 23.95 -1.33 -5.07
CA ILE A 23 24.61 -1.06 -3.81
C ILE A 23 24.50 -2.27 -2.89
N CYS A 24 23.30 -2.83 -2.76
CA CYS A 24 23.09 -3.97 -1.89
C CYS A 24 23.81 -5.21 -2.41
N MET A 25 23.86 -5.39 -3.74
CA MET A 25 24.66 -6.46 -4.32
C MET A 25 26.12 -6.33 -3.92
N PHE A 26 26.68 -5.13 -4.09
CA PHE A 26 28.08 -4.89 -3.76
C PHE A 26 28.36 -5.21 -2.29
N ASN A 27 27.49 -4.73 -1.40
CA ASN A 27 27.71 -4.94 0.03
C ASN A 27 27.64 -6.42 0.42
N HIS A 28 26.97 -7.25 -0.39
CA HIS A 28 26.85 -8.66 -0.07
C HIS A 28 28.10 -9.43 -0.50
N TYR A 29 28.49 -9.32 -1.77
CA TYR A 29 29.59 -10.10 -2.31
C TYR A 29 30.94 -9.73 -1.69
N TYR A 30 31.01 -8.68 -0.86
CA TYR A 30 32.26 -8.30 -0.21
C TYR A 30 32.16 -8.39 1.31
N GLY A 31 31.19 -9.16 1.82
CA GLY A 31 31.10 -9.39 3.25
C GLY A 31 30.85 -8.15 4.08
N ILE A 32 30.32 -7.09 3.48
CA ILE A 32 29.96 -5.89 4.22
C ILE A 32 28.70 -6.18 5.01
N THR A 33 28.85 -6.51 6.30
CA THR A 33 27.74 -7.00 7.10
C THR A 33 27.36 -6.15 8.31
N ASN A 34 28.17 -5.17 8.68
CA ASN A 34 27.84 -4.35 9.85
C ASN A 34 26.61 -3.49 9.58
N LEU A 35 25.77 -3.34 10.62
CA LEU A 35 24.51 -2.62 10.46
C LEU A 35 24.72 -1.11 10.35
N VAL A 36 25.70 -0.56 11.06
CA VAL A 36 25.91 0.88 11.02
C VAL A 36 26.64 1.29 9.74
N VAL A 37 27.45 0.40 9.17
CA VAL A 37 28.13 0.70 7.92
C VAL A 37 27.13 0.75 6.77
N ASN A 38 26.34 -0.31 6.62
CA ASN A 38 25.31 -0.33 5.58
C ASN A 38 24.40 0.89 5.68
N THR A 39 23.89 1.16 6.88
CA THR A 39 23.04 2.34 7.09
C THR A 39 23.72 3.60 6.60
N LEU A 40 25.04 3.70 6.76
CA LEU A 40 25.77 4.89 6.34
C LEU A 40 25.95 4.92 4.83
N ILE A 41 26.17 3.77 4.20
CA ILE A 41 26.30 3.74 2.74
C ILE A 41 24.98 4.11 2.08
N VAL A 42 23.91 3.41 2.46
CA VAL A 42 22.59 3.73 1.91
C VAL A 42 22.26 5.20 2.16
N PHE A 43 22.57 5.70 3.35
CA PHE A 43 22.38 7.11 3.64
C PHE A 43 23.17 7.97 2.66
N PHE A 44 24.43 7.64 2.45
CA PHE A 44 25.27 8.33 1.48
C PHE A 44 24.58 8.45 0.13
N TYR A 45 24.19 7.32 -0.47
CA TYR A 45 23.62 7.31 -1.80
C TYR A 45 22.18 7.81 -1.82
N ALA A 46 21.45 7.67 -0.70
CA ALA A 46 20.15 8.30 -0.60
C ALA A 46 20.27 9.81 -0.73
N VAL A 47 21.28 10.38 -0.06
CA VAL A 47 21.59 11.79 -0.24
C VAL A 47 21.82 12.10 -1.72
N ASN A 48 22.61 11.26 -2.38
CA ASN A 48 22.91 11.48 -3.80
C ASN A 48 21.64 11.56 -4.64
N VAL A 49 20.71 10.62 -4.44
CA VAL A 49 19.51 10.59 -5.26
C VAL A 49 18.67 11.84 -5.05
N TYR A 50 18.66 12.39 -3.83
CA TYR A 50 17.85 13.57 -3.54
C TYR A 50 18.28 14.76 -4.37
N PHE A 51 19.58 15.08 -4.36
CA PHE A 51 20.04 16.29 -5.04
C PHE A 51 20.14 16.11 -6.54
N PHE A 52 20.40 14.89 -7.01
CA PHE A 52 20.29 14.62 -8.44
C PHE A 52 18.86 14.77 -8.92
N LEU A 53 17.89 14.45 -8.07
CA LEU A 53 16.49 14.61 -8.44
C LEU A 53 16.03 16.06 -8.30
N LYS A 54 16.35 16.72 -7.18
CA LYS A 54 15.94 18.11 -7.01
C LYS A 54 16.66 19.04 -7.96
N PHE A 55 17.72 18.58 -8.62
CA PHE A 55 18.37 19.37 -9.65
C PHE A 55 17.66 19.19 -11.00
N PHE A 56 17.27 17.97 -11.32
CA PHE A 56 16.63 17.67 -12.60
C PHE A 56 15.15 17.99 -12.63
N TYR A 57 14.53 18.27 -11.47
CA TYR A 57 13.09 18.48 -11.40
C TYR A 57 12.78 19.77 -10.63
N ASN A 58 11.63 20.35 -10.96
CA ASN A 58 11.12 21.51 -10.23
C ASN A 58 10.47 21.05 -8.94
N GLU A 59 9.63 21.90 -8.34
CA GLU A 59 9.02 21.55 -7.06
C GLU A 59 7.96 20.46 -7.21
N PHE A 60 7.14 20.55 -8.25
CA PHE A 60 6.09 19.55 -8.48
C PHE A 60 6.70 18.21 -8.90
N ALA A 61 7.41 18.18 -10.02
CA ALA A 61 7.97 16.94 -10.52
C ALA A 61 8.91 16.29 -9.53
N PHE A 62 9.55 17.08 -8.67
CA PHE A 62 10.50 16.53 -7.70
C PHE A 62 9.76 15.89 -6.51
N ALA A 63 8.82 16.64 -5.92
CA ALA A 63 7.99 16.04 -4.87
C ALA A 63 7.30 14.78 -5.35
N ILE A 64 7.21 14.62 -6.67
CA ILE A 64 6.72 13.37 -7.26
C ILE A 64 7.85 12.36 -7.39
N ALA A 65 9.01 12.81 -7.89
CA ALA A 65 10.11 11.89 -8.17
C ALA A 65 10.72 11.37 -6.88
N ILE A 66 10.96 12.24 -5.90
CA ILE A 66 11.66 11.83 -4.69
C ILE A 66 10.85 10.77 -3.93
N ARG A 67 9.53 10.92 -3.92
CA ARG A 67 8.68 9.91 -3.29
C ARG A 67 8.76 8.58 -4.04
N ALA A 68 8.65 8.63 -5.37
CA ALA A 68 8.77 7.42 -6.18
C ALA A 68 10.07 6.68 -5.87
N ALA A 69 11.19 7.39 -5.89
CA ALA A 69 12.48 6.76 -5.64
C ALA A 69 12.57 6.23 -4.22
N PHE A 70 12.03 6.99 -3.25
CA PHE A 70 12.02 6.54 -1.86
C PHE A 70 11.41 5.15 -1.73
N LEU A 71 10.18 4.98 -2.22
CA LEU A 71 9.55 3.66 -2.20
C LEU A 71 10.45 2.62 -2.85
N GLY A 72 11.05 2.96 -3.99
CA GLY A 72 12.02 2.05 -4.59
C GLY A 72 13.10 1.64 -3.61
N LEU A 73 13.62 2.60 -2.86
CA LEU A 73 14.61 2.31 -1.82
C LEU A 73 14.04 1.30 -0.82
N VAL A 74 12.90 1.64 -0.21
CA VAL A 74 12.27 0.74 0.75
C VAL A 74 12.10 -0.65 0.13
N LEU A 75 11.74 -0.70 -1.15
CA LEU A 75 11.57 -1.97 -1.84
C LEU A 75 12.85 -2.80 -1.78
N VAL A 76 13.94 -2.26 -2.33
CA VAL A 76 15.19 -3.02 -2.40
C VAL A 76 15.69 -3.38 -1.01
N LEU A 77 15.65 -2.42 -0.08
CA LEU A 77 16.14 -2.68 1.28
C LEU A 77 15.31 -3.75 1.98
N GLY A 78 14.01 -3.82 1.69
CA GLY A 78 13.18 -4.85 2.30
C GLY A 78 13.58 -6.24 1.86
N LEU A 79 13.70 -6.44 0.54
CA LEU A 79 14.16 -7.74 0.04
C LEU A 79 15.56 -8.06 0.55
N TYR A 80 16.43 -7.06 0.58
CA TYR A 80 17.78 -7.24 1.10
C TYR A 80 17.77 -7.77 2.52
N ILE A 81 16.89 -7.23 3.36
CA ILE A 81 16.80 -7.70 4.75
C ILE A 81 16.21 -9.09 4.82
N LYS A 82 15.22 -9.38 3.97
CA LYS A 82 14.58 -10.69 3.96
C LYS A 82 15.49 -11.78 3.43
N LEU A 83 16.63 -11.43 2.83
CA LEU A 83 17.57 -12.41 2.29
C LEU A 83 18.80 -12.62 3.15
N VAL A 84 19.34 -11.57 3.77
CA VAL A 84 20.60 -11.67 4.50
C VAL A 84 20.48 -11.35 5.98
N ALA A 85 19.33 -10.89 6.46
CA ALA A 85 19.18 -10.62 7.88
C ALA A 85 19.00 -11.91 8.65
N PRO A 86 19.20 -11.87 9.96
CA PRO A 86 19.01 -13.08 10.76
C PRO A 86 17.60 -13.60 10.61
N PRO A 87 17.37 -14.90 10.82
CA PRO A 87 15.99 -15.43 10.72
C PRO A 87 15.04 -14.85 11.74
N ASN A 88 15.56 -14.17 12.77
CA ASN A 88 14.71 -13.43 13.70
C ASN A 88 14.09 -12.19 13.05
N ILE A 89 14.67 -11.71 11.95
CA ILE A 89 14.30 -10.42 11.38
C ILE A 89 13.73 -10.58 9.97
N GLN A 90 14.20 -11.59 9.24
CA GLN A 90 13.87 -11.79 7.84
C GLN A 90 12.40 -11.48 7.51
N ILE A 91 11.52 -11.66 8.49
CA ILE A 91 10.10 -11.38 8.28
C ILE A 91 9.88 -9.90 8.00
N PHE A 92 10.52 -9.03 8.78
CA PHE A 92 10.30 -7.60 8.64
C PHE A 92 10.75 -7.07 7.29
N GLY A 93 11.65 -7.78 6.60
CA GLY A 93 12.05 -7.34 5.28
C GLY A 93 10.93 -7.43 4.27
N GLY A 94 10.31 -8.60 4.16
CA GLY A 94 9.17 -8.75 3.27
C GLY A 94 8.05 -7.78 3.60
N TYR A 95 7.81 -7.54 4.89
CA TYR A 95 6.82 -6.55 5.29
C TYR A 95 7.13 -5.20 4.67
N MET A 96 8.37 -4.73 4.83
CA MET A 96 8.79 -3.47 4.21
C MET A 96 8.47 -3.46 2.73
N SER A 97 8.87 -4.53 2.02
CA SER A 97 8.64 -4.60 0.58
C SER A 97 7.17 -4.45 0.23
N VAL A 98 6.31 -5.21 0.93
CA VAL A 98 4.87 -5.10 0.68
C VAL A 98 4.42 -3.66 0.82
N MET A 99 4.80 -3.01 1.92
CA MET A 99 4.40 -1.63 2.15
C MET A 99 4.81 -0.73 1.00
N ALA A 100 6.09 -0.76 0.63
CA ALA A 100 6.57 0.09 -0.46
C ALA A 100 5.75 -0.12 -1.72
N LEU A 101 5.61 -1.38 -2.16
CA LEU A 101 4.85 -1.67 -3.37
C LEU A 101 3.46 -1.05 -3.31
N PHE A 102 2.75 -1.27 -2.20
CA PHE A 102 1.41 -0.72 -2.03
C PHE A 102 1.40 0.78 -2.28
N HIS A 103 2.22 1.52 -1.53
CA HIS A 103 2.21 2.98 -1.65
C HIS A 103 2.58 3.44 -3.05
N TYR A 104 3.37 2.65 -3.79
CA TYR A 104 3.71 3.05 -5.15
C TYR A 104 2.63 2.65 -6.14
N SER A 105 2.25 1.37 -6.16
CA SER A 105 1.19 0.91 -7.07
C SER A 105 -0.11 1.67 -6.83
N GLU A 106 -0.26 2.30 -5.66
CA GLU A 106 -1.39 3.17 -5.42
C GLU A 106 -1.33 4.39 -6.35
N PHE A 107 -0.22 5.11 -6.32
CA PHE A 107 -0.07 6.28 -7.17
C PHE A 107 -0.16 5.90 -8.65
N LEU A 108 0.66 4.93 -9.06
CA LEU A 108 0.68 4.52 -10.47
C LEU A 108 -0.72 4.20 -10.97
N ALA A 109 -1.49 3.48 -10.15
CA ALA A 109 -2.88 3.19 -10.51
C ALA A 109 -3.65 4.49 -10.79
N ILE A 110 -3.53 5.46 -9.89
CA ILE A 110 -4.28 6.71 -10.05
C ILE A 110 -3.80 7.48 -11.28
N ALA A 111 -2.48 7.48 -11.52
CA ALA A 111 -1.96 8.22 -12.66
C ALA A 111 -2.46 7.64 -13.97
N ILE A 112 -2.62 6.32 -14.04
CA ILE A 112 -3.15 5.66 -15.22
C ILE A 112 -4.62 6.00 -15.39
N VAL A 113 -5.45 5.50 -14.48
CA VAL A 113 -6.90 5.62 -14.62
C VAL A 113 -7.37 7.06 -14.51
N GLN A 114 -6.58 7.94 -13.90
CA GLN A 114 -7.02 9.32 -13.68
C GLN A 114 -5.83 10.26 -13.74
N PRO A 115 -5.17 10.38 -14.89
CA PRO A 115 -3.99 11.27 -14.98
C PRO A 115 -4.29 12.70 -14.60
N LYS A 116 -5.56 13.08 -14.60
CA LYS A 116 -5.93 14.48 -14.37
C LYS A 116 -5.59 14.90 -12.94
N GLN A 117 -6.06 14.15 -11.95
CA GLN A 117 -5.78 14.47 -10.55
C GLN A 117 -4.81 13.43 -9.99
N VAL A 118 -3.56 13.58 -10.36
CA VAL A 118 -2.48 12.73 -9.88
C VAL A 118 -1.51 13.62 -9.12
N SER A 119 -1.44 13.46 -7.80
CA SER A 119 -0.65 14.35 -6.95
C SER A 119 0.21 13.56 -5.99
N THR A 120 0.77 14.24 -4.98
CA THR A 120 1.54 13.57 -3.95
C THR A 120 0.65 12.82 -2.96
N ASP A 121 -0.66 13.09 -2.97
CA ASP A 121 -1.59 12.33 -2.14
C ASP A 121 -1.99 11.02 -2.78
N SER A 122 -1.83 10.88 -4.10
CA SER A 122 -1.94 9.58 -4.74
C SER A 122 -0.68 8.75 -4.53
N PHE A 123 0.48 9.40 -4.46
CA PHE A 123 1.63 8.77 -3.81
C PHE A 123 1.28 8.41 -2.38
N VAL A 124 0.45 9.22 -1.74
CA VAL A 124 -0.18 8.94 -0.46
C VAL A 124 0.84 8.47 0.57
N ILE A 125 1.94 9.22 0.73
CA ILE A 125 2.77 9.05 1.91
C ILE A 125 1.89 9.26 3.13
N ASN A 126 2.00 8.37 4.10
CA ASN A 126 1.08 8.43 5.23
C ASN A 126 1.47 9.57 6.17
N HIS A 127 0.64 10.62 6.17
CA HIS A 127 0.70 11.66 7.18
C HIS A 127 -0.67 11.86 7.81
N SER A 128 -1.50 10.82 7.78
CA SER A 128 -2.83 10.86 8.37
C SER A 128 -2.73 10.39 9.81
N PRO A 129 -2.80 11.33 10.78
CA PRO A 129 -2.54 10.98 12.19
C PRO A 129 -3.12 9.65 12.65
N GLN A 130 -4.19 9.19 12.00
CA GLN A 130 -4.78 7.91 12.38
C GLN A 130 -3.86 6.74 12.02
N TYR A 131 -3.45 6.66 10.76
CA TYR A 131 -2.69 5.50 10.30
C TYR A 131 -1.27 5.49 10.88
N THR A 132 -0.59 6.64 10.85
CA THR A 132 0.79 6.70 11.31
C THR A 132 0.95 6.03 12.67
N ILE A 133 0.07 6.37 13.61
CA ILE A 133 0.15 5.79 14.95
C ILE A 133 -0.07 4.28 14.89
N ALA A 134 -1.06 3.85 14.12
CA ALA A 134 -1.36 2.42 14.02
C ALA A 134 -0.25 1.66 13.30
N ALA A 135 0.40 2.31 12.33
CA ALA A 135 1.48 1.65 11.59
C ALA A 135 2.72 1.47 12.46
N VAL A 136 3.22 2.56 13.04
CA VAL A 136 4.41 2.48 13.87
C VAL A 136 4.19 1.57 15.07
N SER A 137 2.94 1.46 15.53
CA SER A 137 2.65 0.66 16.71
C SER A 137 2.83 -0.84 16.46
N SER A 138 2.63 -1.28 15.21
CA SER A 138 2.87 -2.68 14.89
C SER A 138 4.37 -2.97 14.82
N TRP A 139 5.17 -1.99 14.43
CA TRP A 139 6.61 -2.16 14.39
C TRP A 139 7.16 -2.38 15.79
N VAL A 140 6.78 -1.52 16.73
CA VAL A 140 7.30 -1.60 18.10
C VAL A 140 6.90 -2.92 18.75
N GLU A 141 5.80 -3.53 18.31
CA GLU A 141 5.41 -4.82 18.86
C GLU A 141 6.21 -5.96 18.24
N PHE A 142 6.49 -5.88 16.94
CA PHE A 142 7.27 -6.93 16.29
C PHE A 142 8.67 -7.03 16.86
N PHE A 143 9.33 -5.89 17.07
CA PHE A 143 10.72 -5.90 17.54
C PHE A 143 10.82 -6.23 19.02
N ILE A 144 9.83 -5.82 19.82
CA ILE A 144 9.83 -6.21 21.23
C ILE A 144 9.52 -7.69 21.37
N GLU A 145 8.62 -8.21 20.53
CA GLU A 145 8.30 -9.63 20.56
C GLU A 145 9.40 -10.46 19.91
N THR A 146 10.18 -9.88 19.00
CA THR A 146 11.29 -10.62 18.41
C THR A 146 12.52 -10.59 19.31
N TYR A 147 12.67 -9.53 20.12
CA TYR A 147 13.77 -9.48 21.08
C TYR A 147 13.53 -10.44 22.24
N PHE A 148 12.32 -10.40 22.81
CA PHE A 148 11.99 -11.30 23.92
C PHE A 148 11.57 -12.67 23.42
N PHE A 149 11.01 -12.76 22.22
CA PHE A 149 10.51 -14.02 21.68
C PHE A 149 10.98 -14.13 20.23
N PRO A 150 12.25 -14.46 20.01
CA PRO A 150 12.74 -14.58 18.63
C PRO A 150 12.10 -15.71 17.85
N ALA A 151 11.79 -16.81 18.53
CA ALA A 151 11.17 -17.96 17.88
C ALA A 151 9.85 -17.60 17.18
N LEU A 152 9.07 -16.72 17.80
CA LEU A 152 7.80 -16.30 17.24
C LEU A 152 7.94 -15.80 15.81
N LYS A 153 9.06 -15.15 15.50
CA LYS A 153 9.29 -14.57 14.18
C LYS A 153 10.06 -15.51 13.25
N ALA A 154 10.25 -16.77 13.65
CA ALA A 154 10.94 -17.75 12.83
C ALA A 154 9.99 -18.72 12.12
N ILE A 155 8.69 -18.60 12.36
CA ILE A 155 7.70 -19.45 11.71
C ILE A 155 7.42 -18.89 10.33
N HIS A 156 8.17 -19.35 9.33
CA HIS A 156 8.16 -18.72 8.01
C HIS A 156 6.96 -19.11 7.15
N TRP A 157 6.34 -20.27 7.41
CA TRP A 157 5.14 -20.63 6.64
C TRP A 157 3.97 -19.70 6.97
N LEU A 158 3.87 -19.26 8.23
CA LEU A 158 2.86 -18.29 8.62
C LEU A 158 3.06 -16.97 7.88
N SER A 159 4.21 -16.34 8.10
CA SER A 159 4.51 -15.06 7.44
C SER A 159 4.27 -15.14 5.94
N ASN A 160 4.52 -16.30 5.33
CA ASN A 160 4.23 -16.47 3.91
C ASN A 160 2.74 -16.50 3.65
N ILE A 161 1.94 -17.01 4.60
CA ILE A 161 0.49 -16.93 4.48
C ILE A 161 0.05 -15.48 4.44
N GLY A 162 0.62 -14.65 5.32
CA GLY A 162 0.33 -13.22 5.28
C GLY A 162 0.72 -12.60 3.96
N LEU A 163 1.88 -12.97 3.42
CA LEU A 163 2.27 -12.52 2.09
C LEU A 163 1.19 -12.84 1.07
N CYS A 164 0.65 -14.07 1.13
CA CYS A 164 -0.39 -14.48 0.21
C CYS A 164 -1.59 -13.54 0.28
N VAL A 165 -2.16 -13.38 1.48
CA VAL A 165 -3.36 -12.54 1.61
C VAL A 165 -3.05 -11.10 1.19
N CYS A 166 -1.81 -10.66 1.37
CA CYS A 166 -1.43 -9.32 0.94
C CYS A 166 -1.47 -9.21 -0.58
N ILE A 167 -0.84 -10.17 -1.27
CA ILE A 167 -0.80 -10.13 -2.73
C ILE A 167 -2.21 -10.19 -3.31
N LEU A 168 -3.07 -11.04 -2.74
CA LEU A 168 -4.45 -11.13 -3.20
C LEU A 168 -5.17 -9.80 -3.00
N GLY A 169 -5.26 -9.34 -1.75
CA GLY A 169 -5.90 -8.07 -1.48
C GLY A 169 -5.42 -6.98 -2.42
N GLU A 170 -4.14 -7.01 -2.77
CA GLU A 170 -3.60 -6.05 -3.73
C GLU A 170 -4.24 -6.21 -5.10
N VAL A 171 -4.15 -7.42 -5.67
CA VAL A 171 -4.68 -7.63 -7.01
C VAL A 171 -6.14 -7.19 -7.09
N LEU A 172 -6.93 -7.61 -6.10
CA LEU A 172 -8.32 -7.16 -6.03
C LEU A 172 -8.40 -5.64 -5.97
N ARG A 173 -7.59 -5.03 -5.11
CA ARG A 173 -7.57 -3.58 -4.98
C ARG A 173 -7.38 -2.91 -6.33
N LYS A 174 -6.25 -3.20 -6.99
CA LYS A 174 -5.95 -2.57 -8.26
C LYS A 174 -6.94 -2.97 -9.34
N THR A 175 -7.17 -4.28 -9.51
CA THR A 175 -8.13 -4.73 -10.51
C THR A 175 -9.47 -4.04 -10.34
N ALA A 176 -9.80 -3.60 -9.13
CA ALA A 176 -11.00 -2.81 -8.90
C ALA A 176 -10.81 -1.36 -9.33
N ILE A 177 -9.62 -0.80 -9.06
CA ILE A 177 -9.34 0.58 -9.46
C ILE A 177 -9.34 0.70 -10.97
N LEU A 178 -8.84 -0.33 -11.66
CA LEU A 178 -8.90 -0.35 -13.12
C LEU A 178 -10.34 -0.51 -13.60
N THR A 179 -11.04 -1.54 -13.10
CA THR A 179 -12.40 -1.81 -13.54
C THR A 179 -13.28 -0.57 -13.45
N ALA A 180 -13.11 0.21 -12.38
CA ALA A 180 -13.91 1.42 -12.20
C ALA A 180 -13.42 2.58 -13.07
N GLY A 181 -12.16 2.55 -13.50
CA GLY A 181 -11.67 3.59 -14.39
C GLY A 181 -11.67 4.95 -13.71
N SER A 182 -12.03 5.98 -14.48
CA SER A 182 -12.08 7.33 -13.95
C SER A 182 -13.10 7.47 -12.83
N ASN A 183 -14.06 6.55 -12.75
CA ASN A 183 -15.05 6.61 -11.68
C ASN A 183 -14.41 6.41 -10.32
N PHE A 184 -13.29 5.69 -10.27
CA PHE A 184 -12.62 5.47 -9.00
C PHE A 184 -12.11 6.79 -8.43
N ASN A 185 -12.00 6.85 -7.11
CA ASN A 185 -11.58 8.06 -6.44
C ASN A 185 -11.11 7.70 -5.04
N HIS A 186 -9.90 8.15 -4.68
CA HIS A 186 -9.37 7.91 -3.35
C HIS A 186 -10.27 8.52 -2.27
N LEU A 187 -11.09 9.49 -2.61
CA LEU A 187 -11.94 10.19 -1.66
C LEU A 187 -13.41 9.97 -1.99
N VAL A 188 -14.24 9.94 -0.95
CA VAL A 188 -15.67 9.74 -1.12
C VAL A 188 -16.29 11.00 -1.71
N GLN A 189 -17.16 10.83 -2.71
CA GLN A 189 -17.75 11.93 -3.44
C GLN A 189 -19.19 12.18 -2.98
N CYS A 190 -19.56 13.47 -2.89
CA CYS A 190 -20.90 13.87 -2.52
C CYS A 190 -21.70 14.50 -3.66
N GLU A 191 -21.04 14.93 -4.73
CA GLU A 191 -21.71 15.49 -5.90
C GLU A 191 -21.47 14.59 -7.11
N LYS A 192 -22.44 14.54 -8.00
CA LYS A 192 -22.42 13.61 -9.14
C LYS A 192 -21.75 14.25 -10.35
N SER A 193 -20.76 13.57 -10.91
CA SER A 193 -20.16 13.97 -12.17
C SER A 193 -21.06 13.56 -13.33
N SER A 194 -20.92 14.28 -14.45
CA SER A 194 -21.69 13.97 -15.65
C SER A 194 -21.15 12.74 -16.39
N ASP A 195 -19.94 12.31 -16.10
CA ASP A 195 -19.36 11.11 -16.69
C ASP A 195 -19.32 9.95 -15.69
N HIS A 196 -19.88 10.14 -14.50
CA HIS A 196 -19.87 9.12 -13.46
C HIS A 196 -21.05 8.18 -13.66
N VAL A 197 -20.75 6.95 -14.07
CA VAL A 197 -21.76 5.92 -14.23
C VAL A 197 -21.53 4.87 -13.15
N LEU A 198 -22.49 3.95 -13.01
CA LEU A 198 -22.38 2.87 -12.04
C LEU A 198 -21.66 1.68 -12.65
N VAL A 199 -20.85 1.01 -11.83
CA VAL A 199 -20.10 -0.17 -12.24
C VAL A 199 -20.67 -1.37 -11.50
N THR A 200 -20.92 -2.45 -12.24
CA THR A 200 -21.41 -3.69 -11.63
C THR A 200 -20.78 -4.94 -12.24
N HIS A 201 -19.87 -4.81 -13.18
CA HIS A 201 -19.22 -5.95 -13.82
C HIS A 201 -17.83 -6.16 -13.25
N GLY A 202 -17.27 -7.33 -13.54
CA GLY A 202 -15.95 -7.67 -13.06
C GLY A 202 -15.94 -7.88 -11.55
N VAL A 203 -14.93 -7.29 -10.89
CA VAL A 203 -14.80 -7.45 -9.44
C VAL A 203 -15.97 -6.80 -8.71
N TYR A 204 -16.56 -5.74 -9.29
CA TYR A 204 -17.72 -5.12 -8.67
C TYR A 204 -18.95 -5.99 -8.75
N ALA A 205 -19.00 -6.93 -9.71
CA ALA A 205 -20.07 -7.92 -9.70
C ALA A 205 -19.96 -8.82 -8.47
N TRP A 206 -18.75 -8.97 -7.93
CA TRP A 206 -18.54 -9.78 -6.74
C TRP A 206 -18.84 -9.00 -5.47
N PHE A 207 -18.35 -7.77 -5.37
CA PHE A 207 -18.52 -6.95 -4.18
C PHE A 207 -18.95 -5.54 -4.57
N ARG A 208 -19.74 -4.92 -3.69
CA ARG A 208 -20.08 -3.51 -3.86
C ARG A 208 -18.89 -2.60 -3.58
N HIS A 209 -17.92 -3.08 -2.83
CA HIS A 209 -16.72 -2.31 -2.49
C HIS A 209 -15.51 -3.23 -2.60
N PRO A 210 -15.18 -3.67 -3.82
CA PRO A 210 -14.02 -4.56 -4.00
C PRO A 210 -12.74 -4.00 -3.42
N SER A 211 -12.34 -2.79 -3.88
CA SER A 211 -11.11 -2.18 -3.38
C SER A 211 -11.07 -2.18 -1.85
N TYR A 212 -12.19 -1.79 -1.22
CA TYR A 212 -12.25 -1.83 0.24
C TYR A 212 -11.98 -3.24 0.75
N VAL A 213 -12.50 -4.26 0.06
CA VAL A 213 -12.23 -5.63 0.43
C VAL A 213 -10.73 -5.92 0.33
N GLY A 214 -10.13 -5.58 -0.81
CA GLY A 214 -8.70 -5.82 -0.98
C GLY A 214 -7.86 -5.10 0.05
N TRP A 215 -8.14 -3.82 0.26
CA TRP A 215 -7.41 -3.04 1.26
C TRP A 215 -7.62 -3.61 2.65
N PHE A 216 -8.81 -4.13 2.93
CA PHE A 216 -9.11 -4.69 4.25
C PHE A 216 -8.24 -5.91 4.54
N TYR A 217 -8.28 -6.91 3.66
CA TYR A 217 -7.53 -8.13 3.90
C TYR A 217 -6.03 -7.92 3.75
N TRP A 218 -5.61 -7.01 2.87
CA TRP A 218 -4.20 -6.69 2.76
C TRP A 218 -3.67 -6.12 4.06
N SER A 219 -4.41 -5.19 4.68
CA SER A 219 -4.00 -4.61 5.95
C SER A 219 -3.88 -5.69 7.02
N ILE A 220 -4.84 -6.61 7.09
CA ILE A 220 -4.75 -7.72 8.01
C ILE A 220 -3.52 -8.57 7.69
N GLY A 221 -3.28 -8.82 6.41
CA GLY A 221 -2.14 -9.62 6.03
C GLY A 221 -0.81 -9.01 6.43
N THR A 222 -0.76 -7.68 6.53
CA THR A 222 0.46 -7.02 6.98
C THR A 222 0.89 -7.56 8.34
N GLN A 223 -0.05 -7.66 9.28
CA GLN A 223 0.27 -8.17 10.61
C GLN A 223 0.33 -9.70 10.64
N ILE A 224 -0.21 -10.38 9.64
CA ILE A 224 0.00 -11.82 9.53
C ILE A 224 1.42 -12.13 9.11
N ILE A 225 2.02 -11.25 8.31
CA ILE A 225 3.42 -11.41 7.94
C ILE A 225 4.32 -11.20 9.16
N LEU A 226 4.15 -10.07 9.84
CA LEU A 226 4.97 -9.74 11.01
C LEU A 226 4.77 -10.73 12.16
N ILE A 227 3.75 -11.57 12.10
CA ILE A 227 3.46 -12.52 13.17
C ILE A 227 3.36 -11.76 14.49
N ASN A 228 2.59 -10.67 14.49
CA ASN A 228 2.33 -9.91 15.70
C ASN A 228 0.99 -10.34 16.26
N PRO A 229 0.96 -11.11 17.35
CA PRO A 229 -0.32 -11.59 17.88
C PRO A 229 -1.21 -10.48 18.40
N LEU A 230 -0.67 -9.28 18.64
CA LEU A 230 -1.46 -8.16 19.13
C LEU A 230 -2.02 -7.30 18.01
N CYS A 231 -1.22 -7.03 16.98
CA CYS A 231 -1.65 -6.11 15.92
C CYS A 231 -2.63 -6.76 14.96
N ILE A 232 -2.60 -8.08 14.81
CA ILE A 232 -3.56 -8.75 13.94
C ILE A 232 -5.00 -8.43 14.35
N PRO A 233 -5.39 -8.60 15.62
CA PRO A 233 -6.76 -8.24 15.99
C PRO A 233 -7.02 -6.74 15.90
N ALA A 234 -6.08 -5.92 16.37
CA ALA A 234 -6.28 -4.47 16.35
C ALA A 234 -6.48 -3.97 14.92
N TYR A 235 -5.61 -4.38 14.00
CA TYR A 235 -5.74 -3.97 12.60
C TYR A 235 -7.07 -4.42 12.02
N THR A 236 -7.49 -5.66 12.33
CA THR A 236 -8.75 -6.17 11.79
C THR A 236 -9.92 -5.29 12.22
N LEU A 237 -9.94 -4.88 13.50
CA LEU A 237 -11.05 -4.10 14.01
C LEU A 237 -11.02 -2.66 13.49
N ALA A 238 -9.87 -2.01 13.60
CA ALA A 238 -9.74 -0.65 13.10
C ALA A 238 -10.15 -0.56 11.63
N SER A 239 -9.63 -1.48 10.81
CA SER A 239 -9.99 -1.52 9.40
C SER A 239 -11.49 -1.73 9.22
N TRP A 240 -12.07 -2.63 10.02
CA TRP A 240 -13.49 -2.95 9.88
C TRP A 240 -14.37 -1.72 10.11
N MET A 241 -14.18 -1.04 11.25
CA MET A 241 -15.03 0.10 11.58
C MET A 241 -14.89 1.22 10.55
N PHE A 242 -13.65 1.54 10.16
CA PHE A 242 -13.45 2.59 9.17
C PHE A 242 -14.20 2.30 7.88
N PHE A 243 -14.20 1.04 7.44
CA PHE A 243 -14.95 0.64 6.25
C PHE A 243 -16.43 0.47 6.51
N LYS A 244 -16.85 0.41 7.77
CA LYS A 244 -18.28 0.43 8.07
C LYS A 244 -18.85 1.83 7.89
N GLU A 245 -18.27 2.81 8.59
CA GLU A 245 -18.70 4.19 8.43
C GLU A 245 -18.55 4.64 6.98
N ARG A 246 -17.35 4.48 6.42
CA ARG A 246 -17.09 4.94 5.07
C ARG A 246 -18.02 4.26 4.06
N ILE A 247 -18.17 2.94 4.16
CA ILE A 247 -19.09 2.24 3.25
C ILE A 247 -20.51 2.71 3.48
N TYR A 248 -20.87 3.05 4.72
CA TYR A 248 -22.23 3.51 5.00
C TYR A 248 -22.51 4.82 4.27
N ILE A 249 -21.79 5.88 4.62
CA ILE A 249 -22.01 7.18 4.00
C ILE A 249 -21.76 7.10 2.50
N GLU A 250 -20.72 6.38 2.08
CA GLU A 250 -20.42 6.25 0.66
C GLU A 250 -21.57 5.61 -0.11
N GLU A 251 -22.34 4.73 0.54
CA GLU A 251 -23.48 4.13 -0.12
C GLU A 251 -24.69 5.05 -0.12
N SER A 252 -24.86 5.86 0.93
CA SER A 252 -25.94 6.83 0.95
C SER A 252 -25.83 7.80 -0.22
N MET A 253 -24.63 8.36 -0.41
CA MET A 253 -24.41 9.20 -1.59
C MET A 253 -24.61 8.42 -2.88
N LEU A 254 -24.20 7.14 -2.89
CA LEU A 254 -24.46 6.29 -4.04
C LEU A 254 -25.95 6.11 -4.28
N LEU A 255 -26.77 6.18 -3.23
CA LEU A 255 -28.21 6.01 -3.39
C LEU A 255 -28.84 7.24 -4.04
N SER A 256 -28.43 8.43 -3.61
CA SER A 256 -28.88 9.66 -4.28
C SER A 256 -28.18 9.88 -5.60
N PHE A 257 -27.08 9.16 -5.86
CA PHE A 257 -26.44 9.21 -7.17
C PHE A 257 -27.27 8.44 -8.21
N PHE A 258 -27.43 7.13 -8.00
CA PHE A 258 -28.04 6.24 -8.99
C PHE A 258 -29.36 5.65 -8.53
N GLY A 259 -29.89 6.07 -7.38
CA GLY A 259 -31.22 5.66 -6.93
C GLY A 259 -31.48 4.18 -6.86
N GLN A 260 -32.41 3.69 -7.70
CA GLN A 260 -32.84 2.29 -7.63
C GLN A 260 -31.83 1.34 -8.24
N GLN A 261 -31.06 1.79 -9.24
CA GLN A 261 -30.00 0.93 -9.79
C GLN A 261 -29.13 0.39 -8.67
N TYR A 262 -28.76 1.24 -7.72
CA TYR A 262 -27.93 0.82 -6.60
C TYR A 262 -28.74 0.09 -5.54
N CYS A 263 -30.01 0.46 -5.35
CA CYS A 263 -30.86 -0.31 -4.45
C CYS A 263 -30.99 -1.74 -4.96
N ASP A 264 -31.13 -1.90 -6.28
CA ASP A 264 -31.06 -3.23 -6.89
C ASP A 264 -29.66 -3.81 -6.77
N TYR A 265 -28.64 -2.99 -6.99
CA TYR A 265 -27.26 -3.45 -6.82
C TYR A 265 -27.00 -3.87 -5.38
N GLN A 266 -27.66 -3.24 -4.41
CA GLN A 266 -27.54 -3.66 -3.03
C GLN A 266 -28.21 -5.01 -2.80
N GLN A 267 -29.37 -5.22 -3.42
CA GLN A 267 -30.06 -6.49 -3.29
C GLN A 267 -29.36 -7.61 -4.05
N GLN A 268 -28.46 -7.27 -4.98
CA GLN A 268 -27.81 -8.27 -5.82
C GLN A 268 -26.36 -8.57 -5.43
N VAL A 269 -25.69 -7.68 -4.71
CA VAL A 269 -24.30 -7.88 -4.35
C VAL A 269 -24.05 -7.35 -2.93
N GLY A 270 -23.30 -8.11 -2.14
CA GLY A 270 -22.89 -7.66 -0.84
C GLY A 270 -21.76 -6.64 -0.91
N THR A 271 -21.48 -6.02 0.24
CA THR A 271 -20.41 -5.03 0.28
C THR A 271 -19.05 -5.67 0.00
N GLY A 272 -18.83 -6.88 0.51
CA GLY A 272 -17.56 -7.58 0.37
C GLY A 272 -16.87 -7.83 1.69
N ILE A 273 -17.07 -6.95 2.66
CA ILE A 273 -16.48 -7.12 3.98
C ILE A 273 -17.52 -7.77 4.88
N PRO A 274 -17.12 -8.61 5.84
CA PRO A 274 -18.10 -9.29 6.69
C PRO A 274 -18.72 -8.36 7.72
N PHE A 275 -20.06 -8.38 7.79
CA PHE A 275 -20.85 -7.67 8.79
C PHE A 275 -21.07 -6.20 8.47
N ILE A 276 -20.71 -5.75 7.27
CA ILE A 276 -20.98 -4.38 6.83
C ILE A 276 -22.11 -4.46 5.81
N GLU A 277 -23.27 -3.90 6.15
CA GLU A 277 -24.43 -3.96 5.28
C GLU A 277 -24.49 -2.80 4.30
N GLY A 278 -23.90 -1.66 4.63
CA GLY A 278 -24.02 -0.48 3.81
C GLY A 278 -25.22 0.35 4.20
N TYR A 279 -25.85 1.00 3.23
CA TYR A 279 -26.99 1.87 3.48
C TYR A 279 -28.27 1.18 3.00
N LYS A 280 -28.98 0.56 3.93
CA LYS A 280 -30.24 -0.10 3.62
C LYS A 280 -31.40 0.87 3.76
#